data_2ID3
#
_entry.id   2ID3
#
_cell.length_a   81.069
_cell.length_b   85.617
_cell.length_c   126.341
_cell.angle_alpha   90.00
_cell.angle_beta   90.00
_cell.angle_gamma   90.00
#
_symmetry.space_group_name_H-M   'C 2 2 21'
#
loop_
_entity.id
_entity.type
_entity.pdbx_description
1 polymer 'Putative transcriptional regulator'
2 non-polymer 'CALCIUM ION'
3 non-polymer 'CHLORIDE ION'
4 water water
#
_entity_poly.entity_id   1
_entity_poly.type   'polypeptide(L)'
_entity_poly.pdbx_seq_one_letter_code
;(MSE)GSSHHHHHHSSGRENLYFQGH(MSE)PDPAAPGTLRPGGRTARIREAVLLAAGDALAADGFDALDLGEIARRAGV
GKTTVYRRWGTPGGLAADLLAD(MSE)AEQSLPRADTGALEEDLRANARLVVRTLDDPRQGRLFRALIAASLCNEQAAEA
LHRFYAVRVDEWAGCVRDAVARGEVPDGTDPHGVVAAVSAPLYYALLNTGRSLTEADADRAARAASTAARAGVWVTG
;
_entity_poly.pdbx_strand_id   A,B
#
loop_
_chem_comp.id
_chem_comp.type
_chem_comp.name
_chem_comp.formula
CA non-polymer 'CALCIUM ION' 'Ca 2'
CL non-polymer 'CHLORIDE ION' 'Cl -1'
#
# COMPACT_ATOMS: atom_id res chain seq x y z
N GLY A 35 -27.90 -14.19 -14.88
CA GLY A 35 -29.11 -15.04 -15.02
C GLY A 35 -28.81 -16.52 -14.93
N GLY A 36 -29.63 -17.22 -14.13
CA GLY A 36 -29.67 -18.68 -14.10
C GLY A 36 -28.45 -19.36 -13.53
N ARG A 37 -28.27 -20.63 -13.88
CA ARG A 37 -27.16 -21.41 -13.32
C ARG A 37 -25.80 -20.77 -13.59
N THR A 38 -25.63 -20.09 -14.71
CA THR A 38 -24.32 -19.46 -15.02
C THR A 38 -23.98 -18.42 -13.99
N ALA A 39 -25.00 -17.66 -13.59
CA ALA A 39 -24.84 -16.61 -12.57
C ALA A 39 -24.62 -17.20 -11.18
N ARG A 40 -25.29 -18.31 -10.90
CA ARG A 40 -25.15 -19.00 -9.62
CA ARG A 40 -25.14 -18.98 -9.62
C ARG A 40 -23.76 -19.58 -9.50
N ILE A 41 -23.26 -20.16 -10.59
CA ILE A 41 -21.91 -20.69 -10.64
C ILE A 41 -20.87 -19.61 -10.36
N ARG A 42 -21.03 -18.45 -11.00
CA ARG A 42 -20.09 -17.33 -10.77
C ARG A 42 -20.16 -16.90 -9.29
N GLU A 43 -21.36 -16.72 -8.73
CA GLU A 43 -21.48 -16.39 -7.29
C GLU A 43 -20.75 -17.37 -6.40
N ALA A 44 -20.97 -18.67 -6.64
CA ALA A 44 -20.32 -19.74 -5.85
C ALA A 44 -18.81 -19.73 -5.97
N VAL A 45 -18.32 -19.55 -7.20
CA VAL A 45 -16.89 -19.55 -7.49
C VAL A 45 -16.24 -18.33 -6.83
N LEU A 46 -16.93 -17.18 -6.91
CA LEU A 46 -16.30 -15.98 -6.34
C LEU A 46 -16.28 -15.98 -4.83
N LEU A 47 -17.35 -16.51 -4.20
CA LEU A 47 -17.41 -16.71 -2.74
C LEU A 47 -16.28 -17.65 -2.34
N ALA A 48 -16.13 -18.74 -3.10
CA ALA A 48 -15.08 -19.70 -2.78
C ALA A 48 -13.69 -19.07 -2.93
N ALA A 49 -13.55 -18.24 -3.95
CA ALA A 49 -12.27 -17.54 -4.14
C ALA A 49 -11.96 -16.58 -3.01
N GLY A 50 -12.95 -15.83 -2.58
CA GLY A 50 -12.74 -14.90 -1.45
C GLY A 50 -12.33 -15.67 -0.20
N ASP A 51 -13.01 -16.78 0.08
CA ASP A 51 -12.70 -17.59 1.26
C ASP A 51 -11.27 -18.11 1.17
N ALA A 52 -10.90 -18.63 0.02
CA ALA A 52 -9.55 -19.16 -0.16
C ALA A 52 -8.48 -18.09 -0.09
N LEU A 53 -8.73 -16.92 -0.68
CA LEU A 53 -7.74 -15.84 -0.62
C LEU A 53 -7.50 -15.43 0.82
N ALA A 54 -8.57 -15.28 1.56
CA ALA A 54 -8.49 -14.82 2.95
C ALA A 54 -7.81 -15.84 3.86
N ALA A 55 -8.05 -17.11 3.60
CA ALA A 55 -7.42 -18.20 4.35
C ALA A 55 -5.97 -18.44 4.04
N ASP A 56 -5.64 -18.49 2.74
CA ASP A 56 -4.39 -19.06 2.33
C ASP A 56 -3.58 -18.19 1.39
N GLY A 57 -4.16 -17.08 0.92
CA GLY A 57 -3.43 -16.14 0.07
C GLY A 57 -3.44 -16.41 -1.41
N PHE A 58 -2.92 -15.45 -2.17
CA PHE A 58 -2.98 -15.56 -3.62
C PHE A 58 -2.16 -16.72 -4.17
N ASP A 59 -0.95 -16.90 -3.64
CA ASP A 59 -0.01 -17.93 -4.05
CA ASP A 59 -0.08 -17.91 -4.23
C ASP A 59 -0.59 -19.33 -4.04
N ALA A 60 -1.57 -19.54 -3.15
CA ALA A 60 -2.13 -20.86 -2.89
C ALA A 60 -3.33 -21.17 -3.76
N LEU A 61 -3.87 -20.16 -4.44
CA LEU A 61 -5.18 -20.33 -5.10
C LEU A 61 -5.01 -21.32 -6.25
N ASP A 62 -5.89 -22.32 -6.35
CA ASP A 62 -5.83 -23.33 -7.41
C ASP A 62 -7.27 -23.51 -7.94
N LEU A 63 -7.46 -23.34 -9.24
CA LEU A 63 -8.82 -23.37 -9.78
C LEU A 63 -9.55 -24.71 -9.65
N GLY A 64 -8.79 -25.80 -9.66
CA GLY A 64 -9.40 -27.11 -9.47
C GLY A 64 -9.96 -27.21 -8.06
N GLU A 65 -9.22 -26.70 -7.08
CA GLU A 65 -9.72 -26.72 -5.69
C GLU A 65 -10.92 -25.81 -5.54
N ILE A 66 -10.89 -24.66 -6.19
CA ILE A 66 -12.03 -23.72 -6.12
C ILE A 66 -13.30 -24.36 -6.68
N ALA A 67 -13.16 -25.05 -7.79
CA ALA A 67 -14.29 -25.73 -8.41
C ALA A 67 -14.94 -26.72 -7.42
N ARG A 68 -14.10 -27.48 -6.73
CA ARG A 68 -14.58 -28.50 -5.81
C ARG A 68 -15.31 -27.83 -4.64
N ARG A 69 -14.72 -26.76 -4.13
CA ARG A 69 -15.26 -26.02 -3.00
C ARG A 69 -16.57 -25.35 -3.35
N ALA A 70 -16.64 -24.85 -4.58
CA ALA A 70 -17.86 -24.22 -5.06
C ALA A 70 -18.90 -25.23 -5.53
N GLY A 71 -18.54 -26.50 -5.64
CA GLY A 71 -19.52 -27.49 -6.14
C GLY A 71 -19.81 -27.35 -7.63
N VAL A 72 -18.81 -26.97 -8.42
CA VAL A 72 -18.94 -26.64 -9.84
C VAL A 72 -17.94 -27.51 -10.59
N GLY A 73 -18.25 -27.89 -11.83
CA GLY A 73 -17.30 -28.64 -12.67
C GLY A 73 -16.01 -27.88 -12.92
N LYS A 74 -14.86 -28.57 -12.84
CA LYS A 74 -13.62 -27.87 -13.04
C LYS A 74 -13.46 -27.30 -14.45
N THR A 75 -14.00 -27.97 -15.47
CA THR A 75 -13.77 -27.46 -16.83
C THR A 75 -14.36 -26.06 -16.99
N THR A 76 -15.53 -25.84 -16.39
CA THR A 76 -16.19 -24.54 -16.38
C THR A 76 -15.35 -23.49 -15.70
N VAL A 77 -14.76 -23.87 -14.56
CA VAL A 77 -13.92 -22.90 -13.82
C VAL A 77 -12.66 -22.48 -14.61
N TYR A 78 -11.91 -23.43 -15.15
CA TYR A 78 -10.78 -23.08 -15.99
C TYR A 78 -11.22 -22.33 -17.25
N ARG A 79 -12.34 -22.72 -17.87
CA ARG A 79 -12.81 -22.02 -19.08
C ARG A 79 -13.17 -20.55 -18.80
N ARG A 80 -13.90 -20.31 -17.71
CA ARG A 80 -14.46 -18.98 -17.48
C ARG A 80 -13.48 -18.03 -16.84
N TRP A 81 -12.61 -18.55 -15.96
CA TRP A 81 -11.66 -17.66 -15.24
C TRP A 81 -10.21 -17.82 -15.63
N GLY A 82 -9.90 -19.01 -16.16
CA GLY A 82 -8.56 -19.27 -16.68
C GLY A 82 -7.51 -19.51 -15.65
N THR A 83 -7.25 -18.51 -14.81
CA THR A 83 -6.09 -18.54 -13.93
C THR A 83 -6.47 -17.94 -12.57
N PRO A 84 -5.64 -18.18 -11.54
CA PRO A 84 -5.89 -17.49 -10.26
C PRO A 84 -6.02 -15.98 -10.41
N GLY A 85 -5.17 -15.36 -11.25
CA GLY A 85 -5.28 -13.91 -11.50
C GLY A 85 -6.59 -13.51 -12.13
N GLY A 86 -7.10 -14.32 -13.07
CA GLY A 86 -8.45 -14.06 -13.63
C GLY A 86 -9.58 -14.20 -12.63
N LEU A 87 -9.44 -15.12 -11.68
CA LEU A 87 -10.43 -15.32 -10.64
C LEU A 87 -10.38 -14.12 -9.71
N ALA A 88 -9.17 -13.72 -9.34
CA ALA A 88 -9.03 -12.53 -8.47
C ALA A 88 -9.61 -11.28 -9.14
N ALA A 89 -9.28 -11.10 -10.42
CA ALA A 89 -9.82 -9.95 -11.17
C ALA A 89 -11.36 -9.90 -11.15
N ASP A 90 -12.00 -11.05 -11.35
CA ASP A 90 -13.47 -11.06 -11.39
C ASP A 90 -14.09 -10.85 -10.01
N LEU A 91 -13.43 -11.39 -8.98
CA LEU A 91 -13.83 -11.09 -7.62
C LEU A 91 -13.78 -9.57 -7.32
N LEU A 92 -12.70 -8.95 -7.77
CA LEU A 92 -12.55 -7.47 -7.64
C LEU A 92 -13.62 -6.73 -8.43
N ALA A 93 -14.05 -7.32 -9.55
CA ALA A 93 -15.13 -6.68 -10.35
C ALA A 93 -16.42 -6.72 -9.58
N ASP A 94 -16.71 -7.87 -8.99
CA ASP A 94 -17.88 -8.01 -8.16
C ASP A 94 -17.80 -7.10 -6.94
N MSE A 95 -16.64 -7.03 -6.29
CA MSE A 95 -16.49 -6.16 -5.14
C MSE A 95 -16.73 -4.70 -5.53
O MSE A 95 -17.33 -3.95 -4.78
CB MSE A 95 -15.10 -6.38 -4.49
CG MSE A 95 -15.07 -7.73 -3.78
SE MSE A 95 -13.22 -8.14 -3.34
CE MSE A 95 -12.85 -6.63 -2.12
N ALA A 96 -16.21 -4.29 -6.69
CA ALA A 96 -16.45 -2.92 -7.17
C ALA A 96 -17.94 -2.67 -7.39
N GLU A 97 -18.61 -3.60 -8.09
CA GLU A 97 -20.05 -3.47 -8.41
C GLU A 97 -20.89 -3.37 -7.16
N GLN A 98 -20.44 -3.98 -6.07
CA GLN A 98 -21.25 -4.03 -4.83
C GLN A 98 -20.86 -2.96 -3.79
N SER A 99 -19.84 -2.16 -4.09
CA SER A 99 -19.28 -1.21 -3.12
C SER A 99 -20.39 -0.25 -2.69
N LEU A 100 -20.41 0.13 -1.41
CA LEU A 100 -21.57 0.85 -0.84
C LEU A 100 -21.48 2.37 -1.04
N PRO A 101 -22.65 3.03 -1.05
CA PRO A 101 -22.67 4.50 -1.27
C PRO A 101 -21.98 5.27 -0.16
N ARG A 102 -21.53 6.46 -0.50
CA ARG A 102 -20.88 7.34 0.46
C ARG A 102 -21.82 7.84 1.56
N ALA A 103 -21.20 8.25 2.68
CA ALA A 103 -21.85 9.07 3.69
C ALA A 103 -22.23 10.41 3.10
N ASP A 104 -23.22 11.04 3.71
CA ASP A 104 -23.64 12.35 3.30
C ASP A 104 -24.21 13.05 4.54
N THR A 105 -23.29 13.52 5.37
CA THR A 105 -23.64 14.06 6.68
C THR A 105 -23.93 15.55 6.66
N GLY A 106 -23.47 16.24 5.62
CA GLY A 106 -23.59 17.70 5.60
C GLY A 106 -22.29 18.41 5.96
N ALA A 107 -21.24 17.65 6.31
CA ALA A 107 -19.93 18.24 6.65
C ALA A 107 -18.79 17.38 6.17
N LEU A 108 -17.77 18.01 5.58
CA LEU A 108 -16.65 17.28 5.01
C LEU A 108 -15.94 16.35 6.00
N GLU A 109 -15.55 16.87 7.16
CA GLU A 109 -14.75 16.02 8.04
C GLU A 109 -15.56 14.87 8.61
N GLU A 110 -16.86 15.07 8.90
CA GLU A 110 -17.71 13.97 9.33
C GLU A 110 -17.86 12.92 8.21
N ASP A 111 -18.02 13.36 6.97
CA ASP A 111 -18.04 12.41 5.83
C ASP A 111 -16.75 11.63 5.71
N LEU A 112 -15.61 12.32 5.80
CA LEU A 112 -14.33 11.64 5.58
C LEU A 112 -14.03 10.75 6.77
N ARG A 113 -14.53 11.13 7.95
CA ARG A 113 -14.38 10.26 9.16
C ARG A 113 -15.20 8.97 8.97
N ALA A 114 -16.41 9.08 8.43
CA ALA A 114 -17.24 7.86 8.20
C ALA A 114 -16.50 6.93 7.25
N ASN A 115 -15.94 7.52 6.20
CA ASN A 115 -15.13 6.78 5.25
C ASN A 115 -13.97 6.10 5.95
N ALA A 116 -13.16 6.86 6.69
CA ALA A 116 -11.94 6.30 7.27
C ALA A 116 -12.26 5.20 8.25
N ARG A 117 -13.36 5.37 9.01
CA ARG A 117 -13.72 4.36 10.01
C ARG A 117 -14.13 3.07 9.33
N LEU A 118 -14.76 3.16 8.17
CA LEU A 118 -15.16 1.97 7.42
C LEU A 118 -13.94 1.27 6.87
N VAL A 119 -13.00 2.04 6.36
CA VAL A 119 -11.74 1.43 5.90
C VAL A 119 -11.01 0.71 7.02
N VAL A 120 -10.91 1.35 8.19
CA VAL A 120 -10.25 0.67 9.32
C VAL A 120 -11.04 -0.56 9.73
N ARG A 121 -12.36 -0.47 9.75
CA ARG A 121 -13.13 -1.66 10.16
C ARG A 121 -12.93 -2.84 9.21
N THR A 122 -12.82 -2.51 7.93
CA THR A 122 -12.52 -3.49 6.88
C THR A 122 -11.10 -4.06 7.03
N LEU A 123 -10.09 -3.22 7.12
CA LEU A 123 -8.72 -3.75 7.16
C LEU A 123 -8.35 -4.41 8.46
N ASP A 124 -9.04 -4.03 9.55
CA ASP A 124 -8.75 -4.58 10.86
C ASP A 124 -9.59 -5.85 11.11
N ASP A 125 -10.56 -6.11 10.23
CA ASP A 125 -11.35 -7.33 10.34
C ASP A 125 -10.45 -8.53 10.02
N PRO A 126 -10.50 -9.60 10.83
CA PRO A 126 -9.59 -10.70 10.47
C PRO A 126 -9.76 -11.22 9.03
N ARG A 127 -10.98 -11.57 8.64
CA ARG A 127 -11.22 -12.05 7.28
C ARG A 127 -10.97 -11.00 6.20
N GLN A 128 -11.57 -9.83 6.36
CA GLN A 128 -11.53 -8.86 5.26
C GLN A 128 -10.12 -8.31 5.13
N GLY A 129 -9.42 -8.17 6.25
CA GLY A 129 -8.04 -7.65 6.23
C GLY A 129 -7.13 -8.61 5.48
N ARG A 130 -7.35 -9.90 5.71
CA ARG A 130 -6.58 -10.93 4.99
C ARG A 130 -6.93 -10.99 3.51
N LEU A 131 -8.21 -10.81 3.20
CA LEU A 131 -8.67 -10.76 1.80
C LEU A 131 -8.02 -9.62 1.03
N PHE A 132 -8.06 -8.42 1.63
CA PHE A 132 -7.45 -7.28 0.99
C PHE A 132 -5.95 -7.42 0.83
N ARG A 133 -5.22 -7.95 1.82
CA ARG A 133 -3.78 -8.19 1.65
CA ARG A 133 -3.80 -8.19 1.66
C ARG A 133 -3.55 -9.16 0.49
N ALA A 134 -4.39 -10.20 0.39
CA ALA A 134 -4.25 -11.22 -0.69
C ALA A 134 -4.57 -10.66 -2.08
N LEU A 135 -5.51 -9.70 -2.13
CA LEU A 135 -5.88 -9.09 -3.41
C LEU A 135 -4.78 -8.13 -3.82
N ILE A 136 -4.19 -7.42 -2.84
CA ILE A 136 -3.05 -6.56 -3.17
C ILE A 136 -1.88 -7.41 -3.63
N ALA A 137 -1.64 -8.54 -2.98
CA ALA A 137 -0.58 -9.44 -3.45
C ALA A 137 -0.85 -9.92 -4.86
N ALA A 138 -2.09 -10.27 -5.17
CA ALA A 138 -2.45 -10.65 -6.53
C ALA A 138 -2.11 -9.53 -7.53
N SER A 139 -2.45 -8.28 -7.15
CA SER A 139 -2.14 -7.15 -8.05
C SER A 139 -0.66 -6.97 -8.31
N LEU A 140 0.17 -7.36 -7.36
CA LEU A 140 1.60 -7.14 -7.49
C LEU A 140 2.26 -8.22 -8.32
N CYS A 141 1.58 -9.38 -8.39
CA CYS A 141 2.09 -10.58 -9.04
C CYS A 141 1.44 -10.83 -10.41
N ASN A 142 0.34 -10.16 -10.73
CA ASN A 142 -0.44 -10.56 -11.89
C ASN A 142 -1.09 -9.34 -12.51
N GLU A 143 -0.80 -9.11 -13.79
CA GLU A 143 -1.28 -7.89 -14.45
C GLU A 143 -2.79 -7.79 -14.59
N GLN A 144 -3.44 -8.93 -14.75
CA GLN A 144 -4.91 -8.95 -14.83
C GLN A 144 -5.55 -8.50 -13.52
N ALA A 145 -5.01 -9.03 -12.42
CA ALA A 145 -5.53 -8.69 -11.08
C ALA A 145 -5.20 -7.24 -10.80
N ALA A 146 -4.03 -6.77 -11.24
CA ALA A 146 -3.64 -5.36 -11.03
C ALA A 146 -4.65 -4.40 -11.68
N GLU A 147 -5.05 -4.67 -12.92
CA GLU A 147 -5.98 -3.76 -13.59
C GLU A 147 -7.31 -3.74 -12.82
N ALA A 148 -7.75 -4.89 -12.36
CA ALA A 148 -9.00 -5.00 -11.65
C ALA A 148 -8.95 -4.34 -10.27
N LEU A 149 -7.80 -4.48 -9.63
CA LEU A 149 -7.60 -3.83 -8.34
C LEU A 149 -7.65 -2.33 -8.49
N HIS A 150 -6.94 -1.81 -9.47
CA HIS A 150 -6.98 -0.35 -9.68
C HIS A 150 -8.37 0.15 -10.03
N ARG A 151 -9.15 -0.67 -10.75
CA ARG A 151 -10.51 -0.30 -11.08
C ARG A 151 -11.36 -0.31 -9.83
N PHE A 152 -11.11 -1.26 -8.93
CA PHE A 152 -11.87 -1.29 -7.69
C PHE A 152 -11.65 0.02 -6.89
N TYR A 153 -10.39 0.39 -6.74
CA TYR A 153 -10.10 1.59 -5.95
C TYR A 153 -10.63 2.82 -6.67
N ALA A 154 -10.59 2.83 -8.01
CA ALA A 154 -11.18 3.95 -8.77
C ALA A 154 -12.67 4.10 -8.47
N VAL A 155 -13.38 2.99 -8.45
CA VAL A 155 -14.83 3.03 -8.14
C VAL A 155 -15.10 3.55 -6.73
N ARG A 156 -14.35 3.07 -5.75
CA ARG A 156 -14.58 3.45 -4.36
C ARG A 156 -14.23 4.92 -4.16
N VAL A 157 -13.08 5.33 -4.70
CA VAL A 157 -12.63 6.71 -4.56
C VAL A 157 -13.62 7.62 -5.27
N ASP A 158 -14.08 7.25 -6.46
CA ASP A 158 -14.99 8.12 -7.20
CA ASP A 158 -15.01 8.13 -7.18
C ASP A 158 -16.32 8.27 -6.45
N GLU A 159 -16.74 7.19 -5.79
CA GLU A 159 -17.99 7.27 -5.01
C GLU A 159 -17.82 8.21 -3.84
N TRP A 160 -16.71 8.09 -3.12
CA TRP A 160 -16.57 8.92 -1.94
C TRP A 160 -16.25 10.35 -2.35
N ALA A 161 -15.70 10.53 -3.55
CA ALA A 161 -15.43 11.88 -4.09
C ALA A 161 -16.67 12.75 -4.09
N GLY A 162 -17.84 12.13 -4.12
CA GLY A 162 -19.12 12.88 -4.00
C GLY A 162 -19.15 13.77 -2.75
N CYS A 163 -18.51 13.30 -1.68
CA CYS A 163 -18.44 14.09 -0.45
C CYS A 163 -17.69 15.37 -0.66
N VAL A 164 -16.64 15.31 -1.47
CA VAL A 164 -15.80 16.49 -1.67
C VAL A 164 -16.51 17.45 -2.59
N ARG A 165 -17.21 16.94 -3.61
CA ARG A 165 -17.97 17.81 -4.48
CA ARG A 165 -18.01 17.78 -4.49
C ARG A 165 -19.08 18.51 -3.68
N ASP A 166 -19.65 17.84 -2.70
CA ASP A 166 -20.68 18.48 -1.85
C ASP A 166 -20.06 19.58 -0.99
N ALA A 167 -18.84 19.30 -0.50
CA ALA A 167 -18.14 20.26 0.34
C ALA A 167 -17.73 21.50 -0.46
N VAL A 168 -17.33 21.32 -1.72
CA VAL A 168 -17.11 22.47 -2.63
C VAL A 168 -18.39 23.27 -2.85
N ALA A 169 -19.51 22.59 -3.16
CA ALA A 169 -20.77 23.29 -3.41
C ALA A 169 -21.24 24.09 -2.19
N ARG A 170 -20.95 23.61 -0.99
CA ARG A 170 -21.39 24.31 0.19
C ARG A 170 -20.41 25.41 0.65
N GLY A 171 -19.27 25.49 -0.05
CA GLY A 171 -18.19 26.46 0.24
C GLY A 171 -17.25 26.13 1.38
N GLU A 172 -17.22 24.86 1.78
CA GLU A 172 -16.37 24.38 2.88
C GLU A 172 -14.90 24.23 2.53
N VAL A 173 -14.64 23.90 1.26
CA VAL A 173 -13.28 23.84 0.75
C VAL A 173 -13.22 24.67 -0.54
N PRO A 174 -12.01 25.16 -0.92
CA PRO A 174 -11.95 26.06 -2.07
C PRO A 174 -12.34 25.39 -3.40
N ASP A 175 -12.91 26.20 -4.27
CA ASP A 175 -13.16 25.84 -5.66
C ASP A 175 -11.87 25.31 -6.32
N GLY A 176 -12.03 24.30 -7.17
CA GLY A 176 -10.90 23.70 -7.86
C GLY A 176 -10.26 22.56 -7.06
N THR A 177 -10.76 22.32 -5.85
CA THR A 177 -10.28 21.17 -5.03
C THR A 177 -10.52 19.85 -5.76
N ASP A 178 -9.47 19.04 -5.89
CA ASP A 178 -9.57 17.77 -6.61
C ASP A 178 -10.18 16.71 -5.71
N PRO A 179 -11.40 16.25 -6.04
CA PRO A 179 -12.06 15.29 -5.16
C PRO A 179 -11.29 13.98 -5.01
N HIS A 180 -10.73 13.46 -6.10
CA HIS A 180 -9.94 12.21 -6.05
C HIS A 180 -8.80 12.30 -5.04
N GLY A 181 -8.05 13.37 -5.10
CA GLY A 181 -6.88 13.57 -4.25
C GLY A 181 -7.22 13.61 -2.78
N VAL A 182 -8.28 14.33 -2.45
CA VAL A 182 -8.72 14.41 -1.05
C VAL A 182 -9.14 13.03 -0.49
N VAL A 183 -9.90 12.29 -1.28
CA VAL A 183 -10.45 11.01 -0.81
C VAL A 183 -9.32 10.00 -0.74
N ALA A 184 -8.48 9.95 -1.77
CA ALA A 184 -7.32 9.05 -1.71
C ALA A 184 -6.47 9.33 -0.48
N ALA A 185 -6.37 10.60 -0.14
CA ALA A 185 -5.55 11.02 1.02
C ALA A 185 -6.07 10.47 2.36
N VAL A 186 -7.37 10.20 2.42
CA VAL A 186 -7.96 9.60 3.63
C VAL A 186 -7.55 8.15 3.82
N SER A 187 -7.68 7.36 2.76
CA SER A 187 -7.38 5.95 2.84
C SER A 187 -5.88 5.68 2.92
N ALA A 188 -5.07 6.56 2.33
CA ALA A 188 -3.62 6.28 2.18
C ALA A 188 -2.84 5.94 3.46
N PRO A 189 -2.96 6.75 4.56
CA PRO A 189 -2.19 6.36 5.76
C PRO A 189 -2.71 5.07 6.43
N LEU A 190 -3.94 4.66 6.09
CA LEU A 190 -4.50 3.42 6.66
C LEU A 190 -3.83 2.24 5.98
N TYR A 191 -3.77 2.29 4.65
CA TYR A 191 -3.04 1.28 3.89
C TYR A 191 -1.55 1.31 4.22
N TYR A 192 -0.94 2.48 4.46
CA TYR A 192 0.50 2.50 4.70
C TYR A 192 0.79 1.82 6.05
N ALA A 193 -0.13 1.97 7.01
CA ALA A 193 -0.04 1.13 8.21
C ALA A 193 -0.19 -0.36 7.94
N LEU A 194 -1.18 -0.72 7.14
CA LEU A 194 -1.42 -2.12 6.76
C LEU A 194 -0.22 -2.78 6.03
N LEU A 195 0.35 -2.08 5.08
CA LEU A 195 1.26 -2.72 4.15
C LEU A 195 2.73 -2.36 4.46
N ASN A 196 2.96 -1.17 5.02
CA ASN A 196 4.35 -0.76 5.10
C ASN A 196 4.88 -0.84 6.53
N THR A 197 4.21 -0.15 7.45
CA THR A 197 4.69 -0.18 8.83
C THR A 197 4.29 -1.47 9.56
N GLY A 198 3.15 -2.04 9.15
CA GLY A 198 2.65 -3.27 9.79
C GLY A 198 1.95 -3.04 11.13
N ARG A 199 1.58 -1.81 11.39
CA ARG A 199 0.94 -1.41 12.65
C ARG A 199 -0.54 -1.76 12.57
N SER A 200 -1.12 -2.14 13.71
CA SER A 200 -2.58 -2.33 13.80
C SER A 200 -3.29 -1.00 13.74
N LEU A 201 -4.47 -1.00 13.12
CA LEU A 201 -5.20 0.22 12.88
C LEU A 201 -6.27 0.38 13.96
N THR A 202 -6.45 1.62 14.39
CA THR A 202 -7.46 1.97 15.39
C THR A 202 -8.43 3.00 14.85
N GLU A 203 -9.53 3.18 15.58
CA GLU A 203 -10.47 4.25 15.26
C GLU A 203 -9.76 5.60 15.27
N ALA A 204 -8.82 5.79 16.19
CA ALA A 204 -8.09 7.05 16.29
C ALA A 204 -7.28 7.29 15.03
N ASP A 205 -6.76 6.23 14.44
CA ASP A 205 -6.06 6.34 13.15
C ASP A 205 -7.01 6.85 12.05
N ALA A 206 -8.22 6.31 12.03
CA ALA A 206 -9.23 6.72 11.05
C ALA A 206 -9.54 8.21 11.24
N ASP A 207 -9.73 8.62 12.48
CA ASP A 207 -10.12 9.99 12.77
C ASP A 207 -9.02 10.99 12.39
N ARG A 208 -7.77 10.69 12.68
CA ARG A 208 -6.65 11.53 12.24
C ARG A 208 -6.51 11.57 10.72
N ALA A 209 -6.70 10.43 10.04
CA ALA A 209 -6.64 10.42 8.58
C ALA A 209 -7.69 11.37 8.00
N ALA A 210 -8.91 11.32 8.53
CA ALA A 210 -9.93 12.22 8.05
C ALA A 210 -9.62 13.68 8.40
N ARG A 211 -9.09 13.91 9.60
CA ARG A 211 -8.83 15.28 10.07
C ARG A 211 -7.68 15.90 9.29
N ALA A 212 -6.65 15.10 9.00
CA ALA A 212 -5.51 15.60 8.21
C ALA A 212 -6.00 16.00 6.81
N ALA A 213 -6.77 15.12 6.14
CA ALA A 213 -7.18 15.40 4.78
C ALA A 213 -8.13 16.61 4.79
N SER A 214 -9.00 16.69 5.81
CA SER A 214 -9.94 17.82 5.84
C SER A 214 -9.20 19.13 6.03
N THR A 215 -8.19 19.12 6.92
CA THR A 215 -7.45 20.32 7.24
C THR A 215 -6.71 20.77 5.99
N ALA A 216 -6.06 19.82 5.34
CA ALA A 216 -5.31 20.12 4.12
C ALA A 216 -6.24 20.59 2.99
N ALA A 217 -7.44 20.01 2.91
CA ALA A 217 -8.35 20.36 1.83
C ALA A 217 -8.84 21.76 1.99
N ARG A 218 -9.25 22.11 3.22
CA ARG A 218 -9.72 23.48 3.53
C ARG A 218 -8.66 24.53 3.23
N ALA A 219 -7.41 24.14 3.40
CA ALA A 219 -6.27 25.03 3.18
C ALA A 219 -5.90 25.14 1.70
N GLY A 220 -6.61 24.40 0.85
CA GLY A 220 -6.42 24.47 -0.60
C GLY A 220 -5.31 23.58 -1.16
N VAL A 221 -4.87 22.58 -0.41
CA VAL A 221 -3.72 21.75 -0.82
C VAL A 221 -3.98 20.99 -2.13
N TRP A 222 -5.25 20.61 -2.36
CA TRP A 222 -5.61 19.87 -3.61
C TRP A 222 -6.25 20.72 -4.68
N VAL A 223 -6.10 22.04 -4.60
CA VAL A 223 -6.63 22.87 -5.67
C VAL A 223 -5.71 22.69 -6.86
N THR A 224 -6.30 22.26 -7.98
CA THR A 224 -5.55 21.91 -9.18
C THR A 224 -5.05 23.20 -9.79
N GLY A 225 -3.73 23.37 -9.78
CA GLY A 225 -3.13 24.66 -10.14
C GLY A 225 -2.76 25.43 -8.88
N GLY B 36 35.55 -9.05 3.70
CA GLY B 36 35.93 -10.48 3.87
C GLY B 36 35.21 -11.36 2.87
N ARG B 37 35.51 -12.66 2.93
CA ARG B 37 34.94 -13.64 2.00
C ARG B 37 33.43 -13.62 1.97
N THR B 38 32.83 -13.94 3.13
CA THR B 38 31.40 -14.11 3.21
C THR B 38 30.69 -12.78 3.07
N ALA B 39 31.35 -11.68 3.44
CA ALA B 39 30.77 -10.36 3.21
C ALA B 39 30.60 -10.04 1.71
N ARG B 40 31.62 -10.32 0.90
CA ARG B 40 31.49 -10.09 -0.54
C ARG B 40 30.54 -11.09 -1.20
N ILE B 41 30.45 -12.31 -0.66
CA ILE B 41 29.44 -13.27 -1.14
C ILE B 41 28.04 -12.75 -0.83
N ARG B 42 27.83 -12.26 0.39
CA ARG B 42 26.54 -11.66 0.73
C ARG B 42 26.20 -10.50 -0.20
N GLU B 43 27.16 -9.60 -0.43
CA GLU B 43 26.93 -8.50 -1.37
C GLU B 43 26.46 -8.97 -2.74
N ALA B 44 27.11 -9.98 -3.27
CA ALA B 44 26.76 -10.50 -4.60
C ALA B 44 25.41 -11.16 -4.63
N VAL B 45 25.10 -11.88 -3.56
CA VAL B 45 23.86 -12.65 -3.48
C VAL B 45 22.75 -11.65 -3.33
N LEU B 46 22.97 -10.59 -2.55
CA LEU B 46 21.89 -9.58 -2.44
C LEU B 46 21.66 -8.77 -3.71
N LEU B 47 22.75 -8.44 -4.40
CA LEU B 47 22.60 -7.78 -5.69
C LEU B 47 21.78 -8.68 -6.65
N ALA B 48 22.16 -9.96 -6.74
CA ALA B 48 21.44 -10.90 -7.61
C ALA B 48 19.97 -10.98 -7.22
N ALA B 49 19.70 -10.94 -5.93
CA ALA B 49 18.33 -11.04 -5.45
C ALA B 49 17.54 -9.81 -5.86
N GLY B 50 18.15 -8.63 -5.73
CA GLY B 50 17.42 -7.40 -6.07
C GLY B 50 17.15 -7.40 -7.57
N ASP B 51 18.13 -7.80 -8.37
CA ASP B 51 17.93 -7.90 -9.81
C ASP B 51 16.80 -8.85 -10.18
N ALA B 52 16.79 -10.01 -9.53
CA ALA B 52 15.78 -11.03 -9.88
C ALA B 52 14.43 -10.58 -9.46
N LEU B 53 14.32 -9.99 -8.28
CA LEU B 53 13.02 -9.52 -7.80
C LEU B 53 12.45 -8.42 -8.72
N ALA B 54 13.31 -7.48 -9.09
CA ALA B 54 12.86 -6.44 -10.02
C ALA B 54 12.40 -7.02 -11.35
N ALA B 55 13.05 -8.07 -11.83
CA ALA B 55 12.73 -8.65 -13.12
C ALA B 55 11.46 -9.45 -13.11
N ASP B 56 11.38 -10.37 -12.14
CA ASP B 56 10.39 -11.44 -12.24
C ASP B 56 9.50 -11.56 -11.03
N GLY B 57 9.78 -10.81 -9.96
CA GLY B 57 8.92 -10.79 -8.81
C GLY B 57 9.22 -11.86 -7.79
N PHE B 58 8.55 -11.79 -6.65
CA PHE B 58 8.89 -12.66 -5.56
C PHE B 58 8.56 -14.11 -5.86
N ASP B 59 7.46 -14.34 -6.59
CA ASP B 59 7.01 -15.68 -6.90
C ASP B 59 8.09 -16.45 -7.63
N ALA B 60 8.95 -15.75 -8.37
CA ALA B 60 9.96 -16.42 -9.21
C ALA B 60 11.30 -16.60 -8.49
N LEU B 61 11.45 -15.98 -7.33
CA LEU B 61 12.76 -15.92 -6.67
C LEU B 61 13.09 -17.32 -6.17
N ASP B 62 14.25 -17.83 -6.54
CA ASP B 62 14.65 -19.23 -6.24
C ASP B 62 16.11 -19.23 -5.84
N LEU B 63 16.46 -19.90 -4.74
CA LEU B 63 17.83 -19.80 -4.20
C LEU B 63 18.87 -20.53 -5.04
N GLY B 64 18.49 -21.65 -5.66
CA GLY B 64 19.45 -22.37 -6.50
C GLY B 64 19.83 -21.53 -7.72
N GLU B 65 18.86 -20.78 -8.23
CA GLU B 65 19.13 -19.89 -9.34
C GLU B 65 19.95 -18.68 -8.96
N ILE B 66 19.66 -18.10 -7.80
CA ILE B 66 20.47 -16.99 -7.31
C ILE B 66 21.91 -17.44 -7.10
N ALA B 67 22.06 -18.66 -6.58
CA ALA B 67 23.41 -19.25 -6.44
C ALA B 67 24.14 -19.28 -7.79
N ARG B 68 23.47 -19.77 -8.84
CA ARG B 68 24.09 -19.85 -10.17
C ARG B 68 24.45 -18.46 -10.69
N ARG B 69 23.52 -17.54 -10.58
CA ARG B 69 23.77 -16.18 -11.03
C ARG B 69 24.86 -15.49 -10.25
N ALA B 70 24.87 -15.66 -8.92
CA ALA B 70 25.94 -15.03 -8.13
C ALA B 70 27.26 -15.77 -8.25
N GLY B 71 27.24 -16.99 -8.76
CA GLY B 71 28.46 -17.77 -8.90
C GLY B 71 28.91 -18.47 -7.63
N VAL B 72 27.97 -18.79 -6.75
CA VAL B 72 28.33 -19.39 -5.48
C VAL B 72 27.64 -20.74 -5.36
N GLY B 73 28.12 -21.57 -4.43
CA GLY B 73 27.60 -22.92 -4.27
C GLY B 73 26.18 -22.86 -3.77
N LYS B 74 25.34 -23.71 -4.34
CA LYS B 74 23.93 -23.82 -3.98
C LYS B 74 23.72 -24.04 -2.48
N THR B 75 24.57 -24.89 -1.91
CA THR B 75 24.53 -25.25 -0.50
C THR B 75 24.77 -24.05 0.41
N THR B 76 25.73 -23.22 0.01
CA THR B 76 26.04 -21.98 0.72
C THR B 76 24.86 -21.02 0.78
N VAL B 77 24.19 -20.83 -0.35
CA VAL B 77 23.00 -19.96 -0.38
C VAL B 77 21.88 -20.53 0.46
N TYR B 78 21.60 -21.83 0.33
CA TYR B 78 20.55 -22.44 1.16
CA TYR B 78 20.52 -22.40 1.13
C TYR B 78 20.90 -22.37 2.63
N ARG B 79 22.17 -22.62 2.95
CA ARG B 79 22.62 -22.60 4.34
C ARG B 79 22.45 -21.23 4.97
N ARG B 80 22.76 -20.19 4.22
CA ARG B 80 22.79 -18.85 4.78
C ARG B 80 21.44 -18.15 4.74
N TRP B 81 20.69 -18.32 3.66
CA TRP B 81 19.44 -17.57 3.53
C TRP B 81 18.19 -18.42 3.68
N GLY B 82 18.33 -19.72 3.46
CA GLY B 82 17.25 -20.68 3.72
C GLY B 82 16.17 -20.77 2.66
N THR B 83 15.50 -19.65 2.39
CA THR B 83 14.34 -19.62 1.50
C THR B 83 14.34 -18.29 0.70
N PRO B 84 13.53 -18.21 -0.35
CA PRO B 84 13.35 -16.88 -0.99
C PRO B 84 12.90 -15.79 -0.04
N GLY B 85 12.05 -16.12 0.91
CA GLY B 85 11.66 -15.11 1.91
C GLY B 85 12.79 -14.70 2.84
N GLY B 86 13.68 -15.63 3.17
CA GLY B 86 14.88 -15.25 3.94
C GLY B 86 15.84 -14.38 3.14
N LEU B 87 15.95 -14.65 1.84
CA LEU B 87 16.79 -13.83 0.99
C LEU B 87 16.17 -12.43 0.91
N ALA B 88 14.85 -12.35 0.72
CA ALA B 88 14.24 -11.02 0.65
C ALA B 88 14.39 -10.29 1.98
N ALA B 89 14.26 -11.04 3.07
CA ALA B 89 14.40 -10.45 4.40
C ALA B 89 15.76 -9.83 4.58
N ASP B 90 16.79 -10.54 4.11
CA ASP B 90 18.15 -10.02 4.29
C ASP B 90 18.44 -8.87 3.34
N LEU B 91 17.85 -8.90 2.15
CA LEU B 91 17.94 -7.73 1.27
C LEU B 91 17.33 -6.49 1.94
N LEU B 92 16.18 -6.66 2.58
CA LEU B 92 15.53 -5.59 3.31
C LEU B 92 16.35 -5.16 4.51
N ALA B 93 17.08 -6.07 5.16
CA ALA B 93 17.99 -5.69 6.24
C ALA B 93 19.08 -4.77 5.71
N ASP B 94 19.66 -5.17 4.59
CA ASP B 94 20.73 -4.39 3.99
C ASP B 94 20.19 -3.02 3.59
N MSE B 95 19.01 -3.01 2.98
CA MSE B 95 18.40 -1.74 2.54
C MSE B 95 18.17 -0.81 3.70
O MSE B 95 18.37 0.41 3.61
CB MSE B 95 17.10 -2.00 1.76
CG MSE B 95 17.39 -2.49 0.34
SE MSE B 95 15.83 -3.29 -0.47
CE MSE B 95 14.68 -1.68 -0.42
N ALA B 96 17.74 -1.37 4.82
CA ALA B 96 17.51 -0.55 6.02
C ALA B 96 18.84 -0.01 6.55
N GLU B 97 19.85 -0.86 6.60
CA GLU B 97 21.17 -0.43 7.11
C GLU B 97 21.78 0.68 6.24
N GLN B 98 21.47 0.71 4.95
CA GLN B 98 22.06 1.72 4.04
C GLN B 98 21.17 2.92 3.80
N SER B 99 20.00 2.94 4.44
CA SER B 99 19.00 4.01 4.23
C SER B 99 19.69 5.33 4.57
N LEU B 100 19.45 6.38 3.80
CA LEU B 100 20.25 7.60 3.93
C LEU B 100 19.70 8.57 4.98
N PRO B 101 20.57 9.44 5.50
CA PRO B 101 20.07 10.37 6.53
C PRO B 101 19.07 11.38 5.98
N ARG B 102 18.28 11.89 6.92
CA ARG B 102 17.26 12.89 6.61
C ARG B 102 17.88 14.22 6.15
N ALA B 103 17.04 14.98 5.44
CA ALA B 103 17.31 16.40 5.15
C ALA B 103 17.21 17.17 6.44
N ASP B 104 17.85 18.33 6.46
CA ASP B 104 17.82 19.19 7.62
C ASP B 104 17.94 20.62 7.13
N THR B 105 16.83 21.14 6.62
CA THR B 105 16.86 22.42 5.88
C THR B 105 16.55 23.60 6.79
N GLY B 106 16.00 23.32 7.96
CA GLY B 106 15.54 24.39 8.84
C GLY B 106 14.06 24.67 8.81
N ALA B 107 13.32 23.96 7.97
CA ALA B 107 11.89 24.18 7.84
C ALA B 107 11.22 22.87 7.59
N LEU B 108 10.12 22.61 8.28
CA LEU B 108 9.45 21.31 8.19
C LEU B 108 9.01 20.99 6.78
N GLU B 109 8.31 21.92 6.13
CA GLU B 109 7.77 21.59 4.80
C GLU B 109 8.86 21.27 3.80
N GLU B 110 9.94 22.06 3.83
CA GLU B 110 11.06 21.82 2.95
C GLU B 110 11.71 20.48 3.23
N ASP B 111 11.79 20.10 4.51
CA ASP B 111 12.34 18.79 4.89
C ASP B 111 11.44 17.65 4.37
N LEU B 112 10.13 17.78 4.60
CA LEU B 112 9.20 16.75 4.15
C LEU B 112 9.10 16.70 2.65
N ARG B 113 9.27 17.84 1.96
CA ARG B 113 9.32 17.83 0.49
C ARG B 113 10.55 17.08 -0.07
N ALA B 114 11.72 17.26 0.59
CA ALA B 114 12.94 16.53 0.18
C ALA B 114 12.66 15.02 0.30
N ASN B 115 12.00 14.65 1.38
CA ASN B 115 11.63 13.26 1.67
C ASN B 115 10.71 12.70 0.59
N ALA B 116 9.59 13.39 0.34
CA ALA B 116 8.60 12.93 -0.64
C ALA B 116 9.19 12.83 -2.05
N ARG B 117 10.02 13.80 -2.44
CA ARG B 117 10.60 13.77 -3.76
C ARG B 117 11.56 12.60 -3.94
N LEU B 118 12.26 12.22 -2.89
CA LEU B 118 13.14 11.06 -2.97
C LEU B 118 12.31 9.77 -3.05
N VAL B 119 11.22 9.72 -2.30
CA VAL B 119 10.35 8.52 -2.38
C VAL B 119 9.78 8.44 -3.79
N VAL B 120 9.33 9.56 -4.34
CA VAL B 120 8.82 9.49 -5.74
C VAL B 120 9.92 9.06 -6.73
N ARG B 121 11.13 9.62 -6.59
CA ARG B 121 12.22 9.24 -7.50
C ARG B 121 12.54 7.76 -7.40
N THR B 122 12.48 7.23 -6.17
CA THR B 122 12.68 5.79 -5.94
C THR B 122 11.56 4.95 -6.58
N LEU B 123 10.30 5.26 -6.29
CA LEU B 123 9.18 4.45 -6.78
C LEU B 123 8.93 4.57 -8.27
N ASP B 124 9.37 5.70 -8.84
CA ASP B 124 9.24 5.95 -10.26
C ASP B 124 10.41 5.40 -11.10
N ASP B 125 11.52 5.05 -10.44
CA ASP B 125 12.64 4.36 -11.08
C ASP B 125 12.15 3.04 -11.65
N PRO B 126 12.43 2.77 -12.92
CA PRO B 126 11.99 1.45 -13.39
C PRO B 126 12.42 0.26 -12.49
N ARG B 127 13.71 0.12 -12.21
CA ARG B 127 14.21 -0.98 -11.37
C ARG B 127 13.71 -0.87 -9.95
N GLN B 128 13.93 0.27 -9.31
CA GLN B 128 13.62 0.37 -7.90
C GLN B 128 12.14 0.28 -7.65
N GLY B 129 11.34 0.85 -8.54
CA GLY B 129 9.88 0.72 -8.37
C GLY B 129 9.41 -0.71 -8.47
N ARG B 130 9.99 -1.46 -9.40
CA ARG B 130 9.65 -2.89 -9.52
C ARG B 130 10.17 -3.67 -8.33
N LEU B 131 11.36 -3.31 -7.86
CA LEU B 131 11.89 -3.97 -6.65
C LEU B 131 10.99 -3.75 -5.42
N PHE B 132 10.54 -2.51 -5.20
CA PHE B 132 9.73 -2.26 -4.04
C PHE B 132 8.40 -2.97 -4.13
N ARG B 133 7.81 -2.99 -5.31
CA ARG B 133 6.58 -3.78 -5.48
C ARG B 133 6.80 -5.24 -5.17
N ALA B 134 7.95 -5.78 -5.59
CA ALA B 134 8.22 -7.22 -5.35
C ALA B 134 8.46 -7.52 -3.86
N LEU B 135 9.07 -6.55 -3.16
CA LEU B 135 9.37 -6.72 -1.73
C LEU B 135 8.09 -6.59 -0.92
N ILE B 136 7.21 -5.70 -1.36
CA ILE B 136 5.90 -5.62 -0.67
C ILE B 136 5.14 -6.92 -0.94
N ALA B 137 5.23 -7.44 -2.17
CA ALA B 137 4.59 -8.75 -2.45
C ALA B 137 5.16 -9.83 -1.54
N ALA B 138 6.50 -9.86 -1.40
CA ALA B 138 7.15 -10.83 -0.49
C ALA B 138 6.54 -10.72 0.90
N SER B 139 6.36 -9.50 1.37
CA SER B 139 5.85 -9.29 2.75
C SER B 139 4.44 -9.83 2.90
N LEU B 140 3.68 -9.84 1.80
CA LEU B 140 2.29 -10.29 1.89
C LEU B 140 2.20 -11.82 1.79
N CYS B 141 3.26 -12.43 1.27
CA CYS B 141 3.36 -13.90 1.04
C CYS B 141 4.16 -14.66 2.12
N ASN B 142 4.97 -13.98 2.92
CA ASN B 142 5.97 -14.68 3.71
C ASN B 142 6.19 -13.86 4.98
N GLU B 143 6.03 -14.50 6.12
CA GLU B 143 6.06 -13.78 7.39
C GLU B 143 7.46 -13.25 7.75
N GLN B 144 8.53 -13.99 7.39
CA GLN B 144 9.90 -13.49 7.59
C GLN B 144 10.15 -12.21 6.81
N ALA B 145 9.74 -12.21 5.55
CA ALA B 145 9.88 -11.03 4.71
C ALA B 145 9.03 -9.89 5.26
N ALA B 146 7.83 -10.18 5.75
CA ALA B 146 6.97 -9.12 6.34
C ALA B 146 7.66 -8.43 7.52
N GLU B 147 8.27 -9.20 8.41
CA GLU B 147 8.94 -8.63 9.58
C GLU B 147 10.05 -7.69 9.10
N ALA B 148 10.80 -8.13 8.10
CA ALA B 148 11.88 -7.31 7.63
C ALA B 148 11.40 -6.07 6.91
N LEU B 149 10.32 -6.22 6.16
CA LEU B 149 9.76 -5.04 5.45
C LEU B 149 9.29 -3.99 6.48
N HIS B 150 8.56 -4.44 7.51
CA HIS B 150 8.16 -3.50 8.50
C HIS B 150 9.34 -2.83 9.23
N ARG B 151 10.42 -3.59 9.46
CA ARG B 151 11.59 -3.02 10.10
C ARG B 151 12.23 -1.99 9.18
N PHE B 152 12.23 -2.27 7.86
CA PHE B 152 12.79 -1.30 6.92
C PHE B 152 12.03 0.03 7.01
N TYR B 153 10.71 -0.04 6.98
CA TYR B 153 9.93 1.22 7.03
C TYR B 153 10.07 1.88 8.39
N ALA B 154 10.16 1.09 9.46
CA ALA B 154 10.44 1.68 10.78
C ALA B 154 11.75 2.46 10.81
N VAL B 155 12.82 1.88 10.25
CA VAL B 155 14.10 2.57 10.23
C VAL B 155 13.99 3.89 9.43
N ARG B 156 13.37 3.84 8.24
CA ARG B 156 13.23 5.03 7.39
C ARG B 156 12.36 6.06 8.07
N VAL B 157 11.23 5.65 8.64
CA VAL B 157 10.36 6.64 9.28
C VAL B 157 11.07 7.27 10.48
N ASP B 158 11.71 6.43 11.28
CA ASP B 158 12.36 6.92 12.48
C ASP B 158 13.48 7.88 12.14
N GLU B 159 14.14 7.70 10.99
CA GLU B 159 15.19 8.65 10.59
C GLU B 159 14.58 10.00 10.22
N TRP B 160 13.57 9.95 9.37
CA TRP B 160 12.95 11.18 8.92
C TRP B 160 12.18 11.85 10.05
N ALA B 161 11.82 11.09 11.09
CA ALA B 161 11.12 11.67 12.28
C ALA B 161 11.95 12.74 12.97
N GLY B 162 13.26 12.70 12.76
CA GLY B 162 14.12 13.75 13.30
C GLY B 162 13.74 15.12 12.77
N CYS B 163 13.23 15.21 11.55
CA CYS B 163 12.73 16.49 11.00
C CYS B 163 11.61 17.07 11.84
N VAL B 164 10.72 16.20 12.32
CA VAL B 164 9.59 16.66 13.07
C VAL B 164 10.07 17.06 14.46
N ARG B 165 10.99 16.30 15.06
CA ARG B 165 11.55 16.70 16.35
C ARG B 165 12.20 18.07 16.21
N ASP B 166 12.90 18.33 15.10
CA ASP B 166 13.48 19.67 14.94
C ASP B 166 12.42 20.75 14.79
N ALA B 167 11.34 20.41 14.09
CA ALA B 167 10.22 21.38 13.90
C ALA B 167 9.55 21.67 15.23
N VAL B 168 9.42 20.67 16.09
CA VAL B 168 8.82 20.95 17.43
C VAL B 168 9.73 21.84 18.29
N ALA B 169 11.04 21.55 18.26
CA ALA B 169 12.01 22.33 19.02
C ALA B 169 12.02 23.79 18.57
N ARG B 170 11.97 24.02 17.25
CA ARG B 170 11.91 25.41 16.74
C ARG B 170 10.53 26.10 16.88
N GLY B 171 9.53 25.37 17.36
CA GLY B 171 8.19 25.93 17.60
C GLY B 171 7.30 25.99 16.37
N GLU B 172 7.68 25.27 15.33
CA GLU B 172 6.97 25.29 14.05
C GLU B 172 5.69 24.43 14.08
N VAL B 173 5.71 23.38 14.89
CA VAL B 173 4.51 22.56 15.09
C VAL B 173 4.33 22.39 16.60
N PRO B 174 3.08 22.12 17.04
CA PRO B 174 2.76 22.05 18.47
C PRO B 174 3.52 20.94 19.21
N ASP B 175 3.81 21.19 20.49
CA ASP B 175 4.36 20.17 21.37
C ASP B 175 3.46 18.96 21.44
N GLY B 176 4.08 17.79 21.54
CA GLY B 176 3.34 16.56 21.60
C GLY B 176 2.99 16.02 20.24
N THR B 177 3.34 16.72 19.17
CA THR B 177 3.19 16.17 17.81
C THR B 177 3.98 14.87 17.67
N ASP B 178 3.30 13.78 17.29
CA ASP B 178 3.92 12.47 17.05
C ASP B 178 4.78 12.51 15.78
N PRO B 179 6.11 12.36 15.91
CA PRO B 179 6.89 12.43 14.66
C PRO B 179 6.60 11.29 13.69
N HIS B 180 6.37 10.08 14.21
CA HIS B 180 6.09 8.94 13.32
C HIS B 180 4.89 9.21 12.44
N GLY B 181 3.80 9.69 13.05
CA GLY B 181 2.56 9.93 12.30
C GLY B 181 2.74 10.94 11.18
N VAL B 182 3.45 12.02 11.47
CA VAL B 182 3.68 13.05 10.47
C VAL B 182 4.49 12.51 9.29
N VAL B 183 5.55 11.78 9.60
CA VAL B 183 6.41 11.25 8.54
C VAL B 183 5.72 10.17 7.72
N ALA B 184 5.04 9.23 8.41
CA ALA B 184 4.29 8.18 7.70
C ALA B 184 3.29 8.86 6.76
N ALA B 185 2.71 9.96 7.21
CA ALA B 185 1.66 10.65 6.40
C ALA B 185 2.19 11.20 5.10
N VAL B 186 3.50 11.49 5.02
CA VAL B 186 4.14 11.98 3.77
C VAL B 186 4.26 10.85 2.73
N SER B 187 4.77 9.69 3.14
CA SER B 187 4.93 8.59 2.18
C SER B 187 3.63 7.92 1.77
N ALA B 188 2.66 7.89 2.70
CA ALA B 188 1.41 7.15 2.49
C ALA B 188 0.67 7.39 1.18
N PRO B 189 0.39 8.65 0.79
CA PRO B 189 -0.29 8.82 -0.50
C PRO B 189 0.53 8.49 -1.74
N LEU B 190 1.86 8.46 -1.62
CA LEU B 190 2.74 8.02 -2.70
C LEU B 190 2.58 6.51 -2.91
N TYR B 191 2.64 5.75 -1.83
CA TYR B 191 2.38 4.32 -1.90
C TYR B 191 0.93 4.00 -2.28
N TYR B 192 -0.04 4.82 -1.86
CA TYR B 192 -1.43 4.51 -2.23
C TYR B 192 -1.60 4.71 -3.72
N ALA B 193 -0.97 5.76 -4.26
CA ALA B 193 -0.92 5.87 -5.74
C ALA B 193 -0.23 4.72 -6.43
N LEU B 194 0.93 4.29 -5.94
CA LEU B 194 1.70 3.17 -6.49
C LEU B 194 0.78 1.98 -6.58
N LEU B 195 0.26 1.57 -5.43
CA LEU B 195 -0.25 0.23 -5.24
C LEU B 195 -1.76 0.15 -5.40
N ASN B 196 -2.50 1.15 -4.95
CA ASN B 196 -3.94 1.02 -4.92
C ASN B 196 -4.56 1.62 -6.17
N THR B 197 -4.26 2.88 -6.46
CA THR B 197 -4.85 3.51 -7.63
C THR B 197 -4.10 3.12 -8.92
N GLY B 198 -2.80 2.86 -8.82
CA GLY B 198 -2.03 2.38 -9.98
C GLY B 198 -1.64 3.51 -10.92
N ARG B 199 -1.58 4.71 -10.39
CA ARG B 199 -1.22 5.94 -11.11
CA ARG B 199 -1.17 5.81 -11.25
C ARG B 199 0.31 6.10 -11.09
N SER B 200 0.87 6.80 -12.07
CA SER B 200 2.27 7.14 -11.97
C SER B 200 2.41 8.33 -11.06
N LEU B 201 3.56 8.38 -10.39
CA LEU B 201 3.86 9.46 -9.47
C LEU B 201 4.66 10.55 -10.10
N THR B 202 4.35 11.79 -9.72
CA THR B 202 5.04 12.96 -10.22
C THR B 202 5.63 13.76 -9.09
N GLU B 203 6.51 14.69 -9.43
CA GLU B 203 7.05 15.56 -8.41
C GLU B 203 5.95 16.37 -7.72
N ALA B 204 4.90 16.75 -8.45
CA ALA B 204 3.77 17.47 -7.89
C ALA B 204 3.08 16.67 -6.80
N ASP B 205 3.01 15.35 -6.97
CA ASP B 205 2.44 14.46 -5.95
C ASP B 205 3.28 14.52 -4.67
N ALA B 206 4.60 14.54 -4.84
CA ALA B 206 5.50 14.63 -3.70
C ALA B 206 5.31 15.95 -2.94
N ASP B 207 5.29 17.03 -3.69
CA ASP B 207 5.05 18.37 -3.08
C ASP B 207 3.71 18.44 -2.31
N ARG B 208 2.63 17.90 -2.88
CA ARG B 208 1.32 17.90 -2.19
C ARG B 208 1.32 16.99 -0.97
N ALA B 209 2.01 15.85 -1.05
CA ALA B 209 2.10 14.96 0.12
C ALA B 209 2.78 15.71 1.27
N ALA B 210 3.86 16.41 0.94
CA ALA B 210 4.58 17.15 1.96
C ALA B 210 3.77 18.35 2.47
N ARG B 211 3.08 19.02 1.56
CA ARG B 211 2.30 20.19 1.98
C ARG B 211 1.12 19.77 2.85
N ALA B 212 0.46 18.68 2.47
CA ALA B 212 -0.66 18.20 3.26
C ALA B 212 -0.22 17.84 4.67
N ALA B 213 0.86 17.06 4.80
CA ALA B 213 1.32 16.64 6.12
C ALA B 213 1.75 17.85 6.96
N SER B 214 2.47 18.79 6.34
CA SER B 214 2.93 20.00 7.03
C SER B 214 1.77 20.82 7.55
N THR B 215 0.78 21.04 6.69
CA THR B 215 -0.43 21.78 7.08
C THR B 215 -1.14 21.12 8.27
N ALA B 216 -1.39 19.82 8.16
CA ALA B 216 -2.06 19.09 9.23
C ALA B 216 -1.21 19.09 10.51
N ALA B 217 0.12 18.99 10.38
CA ALA B 217 0.99 18.95 11.57
C ALA B 217 0.95 20.29 12.29
N ARG B 218 1.05 21.40 11.53
CA ARG B 218 0.96 22.75 12.12
C ARG B 218 -0.35 22.93 12.88
N ALA B 219 -1.44 22.31 12.39
CA ALA B 219 -2.76 22.44 12.97
C ALA B 219 -2.97 21.54 14.20
N GLY B 220 -1.99 20.69 14.51
CA GLY B 220 -2.01 19.83 15.68
C GLY B 220 -2.68 18.48 15.49
N VAL B 221 -2.79 18.05 14.24
CA VAL B 221 -3.48 16.78 13.97
C VAL B 221 -2.83 15.56 14.65
N TRP B 222 -1.51 15.56 14.78
CA TRP B 222 -0.82 14.43 15.42
C TRP B 222 -0.38 14.68 16.85
N VAL B 223 -1.00 15.66 17.50
CA VAL B 223 -0.78 15.84 18.93
C VAL B 223 -1.45 14.69 19.67
N THR B 224 -0.65 13.96 20.42
CA THR B 224 -1.02 12.68 20.99
C THR B 224 -1.94 12.86 22.19
N GLY B 225 -2.95 12.00 22.28
CA GLY B 225 -3.86 11.99 23.43
C GLY B 225 -4.70 13.25 23.55
CA CA C . -25.49 15.96 0.15
CA CA D . -6.03 -23.86 4.06
CA CA E . -23.72 -1.37 -7.73
CL CL F . -9.76 2.97 -0.27
CL CL G . -4.99 -22.87 -11.21
CA CA H . 13.64 -24.80 -6.89
CA CA I . 19.57 10.82 11.82
CA CA J . 14.18 -18.00 -12.74
CA CA K . 2.48 -17.86 2.54
CA CA L . 4.19 -18.18 2.05
CL CL M . 8.57 5.40 3.22
#